data_6M0C
#
_entry.id   6M0C
#
loop_
_entity.id
_entity.type
_entity.pdbx_description
1 polymer "DNA (5'-D(*CP*TP*TP*GP*CP*AP*TP*G)-3')"
2 non-polymer 'SODIUM ION'
#
_entity_poly.entity_id   1
_entity_poly.type   'polydeoxyribonucleotide'
_entity_poly.pdbx_seq_one_letter_code
;(DC)(DT)(DT)(DG)(DC)(DA)(DT)(DG)
;
_entity_poly.pdbx_strand_id   A
#